data_5H49
#
_entry.id   5H49
#
_cell.length_a   91.638
_cell.length_b   91.638
_cell.length_c   151.046
_cell.angle_alpha   90.00
_cell.angle_beta   90.00
_cell.angle_gamma   90.00
#
_symmetry.space_group_name_H-M   'P 43 21 2'
#
loop_
_entity.id
_entity.type
_entity.pdbx_description
1 polymer Cerebellin-1
2 non-polymer 2-acetamido-2-deoxy-beta-D-glucopyranose
3 water water
#
_entity_poly.entity_id   1
_entity_poly.type   'polypeptide(L)'
_entity_poly.pdbx_seq_one_letter_code
;GTHHHHHHHHGSQNETEPIVLEGKCLVVCDSNPTSDPTGTALGISVRSGSAKVAFSAIRSTNHEPSEMSNRTMIIYFDQV
LVNIGNNFDSERSTFIAPRKGIYSFNFHVVKVYNRQTIQVSLMLNGWPVISAFAGDQDVTREAASNGVLIQMEKGDRAYL
KLERGNLMGGWKYSTFSGFLVFPL
;
_entity_poly.pdbx_strand_id   A,B,C
#
# COMPACT_ATOMS: atom_id res chain seq x y z
N SER A 50 9.02 -21.98 -5.18
CA SER A 50 7.78 -22.74 -5.32
C SER A 50 6.58 -21.98 -4.74
N ALA A 51 6.07 -22.46 -3.61
CA ALA A 51 4.86 -21.90 -3.03
C ALA A 51 5.12 -20.62 -2.24
N LYS A 52 6.34 -20.43 -1.73
CA LYS A 52 6.66 -19.31 -0.84
C LYS A 52 7.72 -18.44 -1.52
N VAL A 53 7.29 -17.32 -2.10
CA VAL A 53 8.17 -16.35 -2.73
C VAL A 53 7.77 -14.97 -2.23
N ALA A 54 8.73 -14.24 -1.66
CA ALA A 54 8.46 -12.91 -1.13
C ALA A 54 9.77 -12.14 -1.03
N PHE A 55 9.71 -10.85 -1.35
CA PHE A 55 10.86 -9.97 -1.19
C PHE A 55 10.42 -8.65 -0.56
N SER A 56 11.34 -8.02 0.15
CA SER A 56 11.07 -6.75 0.81
C SER A 56 12.37 -5.97 0.91
N ALA A 57 12.44 -4.83 0.23
CA ALA A 57 13.65 -4.03 0.17
C ALA A 57 13.38 -2.60 0.62
N ILE A 58 14.42 -1.95 1.12
CA ILE A 58 14.33 -0.58 1.59
C ILE A 58 15.66 0.11 1.33
N ARG A 59 15.59 1.36 0.87
CA ARG A 59 16.79 2.17 0.68
C ARG A 59 17.09 2.89 1.99
N SER A 60 18.12 2.42 2.70
CA SER A 60 18.45 2.90 4.03
C SER A 60 19.40 4.09 4.02
N THR A 61 19.55 4.77 2.89
CA THR A 61 20.67 5.69 2.73
C THR A 61 20.28 6.81 1.77
N ASN A 62 20.79 8.01 2.06
CA ASN A 62 20.53 9.20 1.27
C ASN A 62 21.57 9.46 0.18
N HIS A 63 22.38 8.46 -0.16
CA HIS A 63 23.41 8.65 -1.17
C HIS A 63 22.79 8.88 -2.54
N GLU A 64 23.54 9.57 -3.41
CA GLU A 64 23.09 9.86 -4.75
C GLU A 64 23.11 8.58 -5.60
N PRO A 65 22.33 8.54 -6.68
CA PRO A 65 22.35 7.37 -7.55
C PRO A 65 23.67 7.26 -8.31
N SER A 66 23.98 6.03 -8.72
CA SER A 66 25.11 5.81 -9.60
C SER A 66 24.83 6.41 -10.98
N GLU A 67 25.90 6.70 -11.71
CA GLU A 67 25.71 7.15 -13.08
C GLU A 67 25.27 6.00 -13.99
N MET A 68 25.50 4.76 -13.54
CA MET A 68 24.88 3.60 -14.20
C MET A 68 23.37 3.58 -13.92
N SER A 69 22.97 3.94 -12.71
CA SER A 69 21.57 3.96 -12.35
C SER A 69 20.85 5.18 -12.93
N ASN A 70 21.59 6.27 -13.15
CA ASN A 70 20.97 7.44 -13.79
C ASN A 70 20.57 7.12 -15.23
N ARG A 71 21.33 6.25 -15.89
CA ARG A 71 21.01 5.87 -17.27
C ARG A 71 19.79 4.96 -17.30
N THR A 72 19.90 3.77 -16.71
CA THR A 72 18.85 2.76 -16.80
C THR A 72 17.53 3.24 -16.21
N MET A 73 17.56 4.33 -15.44
CA MET A 73 16.37 4.89 -14.78
C MET A 73 15.73 3.89 -13.82
N ILE A 74 16.47 2.87 -13.39
CA ILE A 74 15.95 1.84 -12.51
C ILE A 74 16.26 2.24 -11.06
N ILE A 75 15.23 2.32 -10.24
CA ILE A 75 15.40 2.63 -8.82
C ILE A 75 15.86 1.37 -8.10
N TYR A 76 16.99 1.47 -7.39
CA TYR A 76 17.55 0.32 -6.69
C TYR A 76 17.46 0.51 -5.18
N PHE A 77 17.46 -0.61 -4.47
CA PHE A 77 17.34 -0.65 -3.01
C PHE A 77 18.47 -1.50 -2.46
N ASP A 78 19.15 -0.98 -1.43
CA ASP A 78 20.36 -1.64 -0.91
C ASP A 78 20.07 -2.56 0.27
N GLN A 79 19.13 -2.21 1.14
CA GLN A 79 18.83 -2.99 2.33
C GLN A 79 17.65 -3.92 2.03
N VAL A 80 17.92 -5.22 1.96
CA VAL A 80 16.92 -6.23 1.66
C VAL A 80 16.52 -6.90 2.96
N LEU A 81 15.26 -6.70 3.36
CA LEU A 81 14.77 -7.29 4.61
C LEU A 81 14.28 -8.72 4.41
N VAL A 82 13.62 -9.00 3.28
CA VAL A 82 13.07 -10.31 2.98
C VAL A 82 13.48 -10.69 1.56
N ASN A 83 13.91 -11.94 1.38
CA ASN A 83 14.10 -12.50 0.05
C ASN A 83 13.97 -14.00 0.18
N ILE A 84 12.80 -14.52 -0.18
CA ILE A 84 12.45 -15.92 0.00
C ILE A 84 12.42 -16.53 -1.40
N GLY A 85 13.41 -17.36 -1.70
CA GLY A 85 13.62 -17.84 -3.05
C GLY A 85 14.62 -17.04 -3.85
N ASN A 86 15.09 -15.92 -3.30
CA ASN A 86 16.17 -15.12 -3.91
C ASN A 86 15.86 -14.71 -5.34
N ASN A 87 14.57 -14.62 -5.68
CA ASN A 87 14.16 -14.19 -7.01
C ASN A 87 14.20 -12.68 -7.18
N PHE A 88 14.47 -11.94 -6.11
CA PHE A 88 14.75 -10.52 -6.16
C PHE A 88 16.26 -10.36 -6.09
N ASP A 89 16.87 -9.99 -7.22
CA ASP A 89 18.29 -10.19 -7.43
C ASP A 89 19.15 -9.07 -6.80
N SER A 90 20.48 -9.21 -6.96
CA SER A 90 21.48 -8.44 -6.22
C SER A 90 21.53 -6.97 -6.57
N GLU A 91 20.80 -6.14 -5.80
CA GLU A 91 20.85 -4.68 -5.90
C GLU A 91 20.56 -4.16 -7.31
N ARG A 92 20.11 -5.04 -8.20
CA ARG A 92 19.54 -4.58 -9.46
C ARG A 92 18.07 -4.23 -9.29
N SER A 93 17.44 -4.71 -8.22
CA SER A 93 16.05 -4.37 -7.87
C SER A 93 15.09 -4.75 -8.99
N THR A 94 15.32 -5.92 -9.59
CA THR A 94 14.41 -6.50 -10.57
C THR A 94 13.92 -7.84 -10.03
N PHE A 95 12.61 -8.03 -10.02
CA PHE A 95 12.03 -9.28 -9.55
C PHE A 95 11.81 -10.23 -10.73
N ILE A 96 12.27 -11.46 -10.59
CA ILE A 96 12.13 -12.49 -11.60
C ILE A 96 11.07 -13.47 -11.12
N ALA A 97 9.96 -13.56 -11.85
CA ALA A 97 8.89 -14.46 -11.49
C ALA A 97 9.36 -15.91 -11.61
N PRO A 98 9.36 -16.69 -10.54
CA PRO A 98 9.80 -18.09 -10.66
C PRO A 98 8.81 -18.97 -11.38
N ARG A 99 7.51 -18.71 -11.26
CA ARG A 99 6.48 -19.55 -11.84
C ARG A 99 5.27 -18.70 -12.17
N LYS A 100 4.26 -19.34 -12.73
CA LYS A 100 3.00 -18.67 -13.08
C LYS A 100 2.16 -18.45 -11.83
N GLY A 101 1.54 -17.29 -11.73
CA GLY A 101 0.66 -17.02 -10.62
C GLY A 101 0.39 -15.54 -10.48
N ILE A 102 -0.39 -15.21 -9.44
CA ILE A 102 -0.74 -13.83 -9.13
C ILE A 102 0.25 -13.32 -8.09
N TYR A 103 0.85 -12.16 -8.37
CA TYR A 103 1.84 -11.56 -7.50
C TYR A 103 1.36 -10.19 -7.03
N SER A 104 1.74 -9.83 -5.82
CA SER A 104 1.44 -8.53 -5.23
C SER A 104 2.68 -7.66 -5.28
N PHE A 105 2.49 -6.36 -5.49
CA PHE A 105 3.59 -5.42 -5.54
C PHE A 105 3.17 -4.11 -4.87
N ASN A 106 4.14 -3.47 -4.22
CA ASN A 106 3.87 -2.27 -3.43
C ASN A 106 5.17 -1.51 -3.27
N PHE A 107 5.13 -0.20 -3.52
CA PHE A 107 6.32 0.63 -3.45
C PHE A 107 5.98 2.00 -2.88
N HIS A 108 6.96 2.59 -2.19
CA HIS A 108 6.89 3.97 -1.72
C HIS A 108 8.24 4.60 -2.01
N VAL A 109 8.27 5.64 -2.84
CA VAL A 109 9.49 6.35 -3.19
C VAL A 109 9.47 7.70 -2.50
N VAL A 110 10.27 7.84 -1.45
CA VAL A 110 10.30 9.03 -0.62
C VAL A 110 11.51 9.87 -1.01
N LYS A 111 11.35 11.19 -0.99
CA LYS A 111 12.43 12.09 -1.36
C LYS A 111 12.52 13.24 -0.36
N VAL A 112 13.74 13.74 -0.18
CA VAL A 112 13.93 14.92 0.66
C VAL A 112 13.66 16.19 -0.12
N TYR A 113 14.19 16.28 -1.34
CA TYR A 113 13.94 17.41 -2.23
C TYR A 113 12.76 17.08 -3.13
N ASN A 114 11.73 17.94 -3.10
CA ASN A 114 10.50 17.72 -3.87
C ASN A 114 10.21 18.87 -4.82
N ARG A 115 11.26 19.55 -5.32
CA ARG A 115 11.05 20.71 -6.20
C ARG A 115 10.41 20.30 -7.52
N GLN A 116 11.06 19.39 -8.25
CA GLN A 116 10.57 18.95 -9.55
C GLN A 116 9.71 17.70 -9.40
N THR A 117 8.66 17.61 -10.21
CA THR A 117 7.79 16.45 -10.18
C THR A 117 8.57 15.19 -10.58
N ILE A 118 8.21 14.06 -9.99
CA ILE A 118 8.79 12.78 -10.30
C ILE A 118 7.66 11.79 -10.57
N GLN A 119 7.88 10.91 -11.55
CA GLN A 119 6.91 9.87 -11.90
C GLN A 119 7.61 8.53 -11.83
N VAL A 120 7.08 7.63 -11.01
CA VAL A 120 7.59 6.27 -10.88
C VAL A 120 6.60 5.32 -11.54
N SER A 121 7.10 4.43 -12.38
CA SER A 121 6.26 3.47 -13.10
C SER A 121 6.71 2.06 -12.77
N LEU A 122 5.75 1.22 -12.37
CA LEU A 122 6.00 -0.19 -12.14
C LEU A 122 6.04 -0.89 -13.50
N MET A 123 7.21 -1.40 -13.87
CA MET A 123 7.44 -1.93 -15.20
C MET A 123 7.27 -3.44 -15.23
N LEU A 124 6.75 -3.95 -16.33
CA LEU A 124 6.63 -5.39 -16.58
C LEU A 124 7.21 -5.69 -17.96
N ASN A 125 8.42 -6.27 -17.97
CA ASN A 125 9.13 -6.60 -19.22
C ASN A 125 9.33 -5.35 -20.08
N GLY A 126 9.64 -4.23 -19.42
CA GLY A 126 9.88 -3.00 -20.14
C GLY A 126 8.65 -2.19 -20.49
N TRP A 127 7.47 -2.57 -19.98
CA TRP A 127 6.25 -1.83 -20.24
C TRP A 127 5.62 -1.36 -18.93
N PRO A 128 5.21 -0.10 -18.85
CA PRO A 128 4.62 0.40 -17.60
C PRO A 128 3.25 -0.19 -17.34
N VAL A 129 3.00 -0.50 -16.08
CA VAL A 129 1.74 -1.10 -15.63
C VAL A 129 0.94 -0.13 -14.78
N ILE A 130 1.55 0.41 -13.73
CA ILE A 130 0.94 1.44 -12.89
C ILE A 130 1.97 2.54 -12.68
N SER A 131 1.50 3.71 -12.24
CA SER A 131 2.35 4.87 -12.08
C SER A 131 1.98 5.61 -10.80
N ALA A 132 2.97 6.30 -10.24
CA ALA A 132 2.80 7.12 -9.05
C ALA A 132 3.41 8.49 -9.31
N PHE A 133 2.84 9.52 -8.68
CA PHE A 133 3.22 10.90 -8.94
C PHE A 133 3.48 11.64 -7.64
N ALA A 134 4.50 12.50 -7.67
CA ALA A 134 4.85 13.37 -6.54
C ALA A 134 5.68 14.52 -7.10
N GLY A 135 6.08 15.42 -6.20
CA GLY A 135 6.93 16.54 -6.58
C GLY A 135 6.15 17.84 -6.70
N ASP A 136 6.89 18.88 -7.10
CA ASP A 136 6.37 20.26 -7.16
C ASP A 136 5.90 20.71 -5.78
N GLN A 137 6.64 20.31 -4.75
CA GLN A 137 6.30 20.59 -3.36
C GLN A 137 7.51 21.15 -2.63
N ASP A 138 7.23 21.78 -1.48
CA ASP A 138 8.27 22.18 -0.53
C ASP A 138 7.81 21.61 0.82
N VAL A 139 8.17 20.36 1.07
CA VAL A 139 7.75 19.63 2.25
C VAL A 139 8.97 18.97 2.89
N THR A 140 8.75 18.35 4.05
CA THR A 140 9.79 17.55 4.70
C THR A 140 10.14 16.34 3.86
N ARG A 141 9.22 15.39 3.76
CA ARG A 141 9.41 14.23 2.90
C ARG A 141 8.08 13.85 2.28
N GLU A 142 8.13 13.43 1.01
CA GLU A 142 6.96 13.11 0.22
C GLU A 142 7.19 11.79 -0.51
N ALA A 143 6.15 10.97 -0.59
CA ALA A 143 6.25 9.64 -1.18
C ALA A 143 5.37 9.52 -2.41
N ALA A 144 5.92 8.91 -3.46
CA ALA A 144 5.16 8.50 -4.63
C ALA A 144 4.88 7.00 -4.48
N SER A 145 3.64 6.64 -4.20
CA SER A 145 3.30 5.29 -3.79
C SER A 145 2.14 4.75 -4.62
N ASN A 146 2.20 3.45 -4.90
CA ASN A 146 1.12 2.73 -5.55
C ASN A 146 1.35 1.24 -5.37
N GLY A 147 0.28 0.47 -5.60
CA GLY A 147 0.37 -0.98 -5.52
C GLY A 147 -0.63 -1.62 -6.45
N VAL A 148 -0.39 -2.88 -6.79
CA VAL A 148 -1.19 -3.58 -7.78
C VAL A 148 -0.93 -5.07 -7.68
N LEU A 149 -1.90 -5.86 -8.13
CA LEU A 149 -1.73 -7.30 -8.34
C LEU A 149 -1.57 -7.54 -9.84
N ILE A 150 -0.62 -8.42 -10.20
CA ILE A 150 -0.33 -8.72 -11.59
C ILE A 150 -0.22 -10.22 -11.76
N GLN A 151 -0.83 -10.73 -12.84
CA GLN A 151 -0.62 -12.11 -13.25
C GLN A 151 0.73 -12.22 -13.93
N MET A 152 1.59 -13.10 -13.43
CA MET A 152 2.92 -13.26 -13.98
C MET A 152 3.10 -14.64 -14.56
N GLU A 153 3.89 -14.72 -15.62
CA GLU A 153 4.36 -15.98 -16.17
C GLU A 153 5.82 -16.19 -15.80
N LYS A 154 6.30 -17.40 -16.05
CA LYS A 154 7.65 -17.77 -15.66
C LYS A 154 8.68 -16.86 -16.34
N GLY A 155 9.45 -16.14 -15.53
CA GLY A 155 10.56 -15.36 -16.03
C GLY A 155 10.28 -13.91 -16.31
N ASP A 156 9.11 -13.40 -15.95
CA ASP A 156 8.82 -11.98 -16.16
C ASP A 156 9.67 -11.13 -15.22
N ARG A 157 9.93 -9.89 -15.65
CA ARG A 157 10.73 -8.94 -14.89
C ARG A 157 9.85 -7.78 -14.43
N ALA A 158 9.84 -7.54 -13.12
CA ALA A 158 9.11 -6.42 -12.54
C ALA A 158 10.08 -5.54 -11.77
N TYR A 159 10.05 -4.24 -12.05
CA TYR A 159 10.97 -3.30 -11.42
C TYR A 159 10.36 -1.91 -11.45
N LEU A 160 11.01 -0.99 -10.76
CA LEU A 160 10.58 0.40 -10.68
C LEU A 160 11.47 1.26 -11.57
N LYS A 161 10.86 2.06 -12.43
CA LYS A 161 11.56 2.99 -13.30
C LYS A 161 11.18 4.42 -12.94
N LEU A 162 12.18 5.27 -12.81
CA LEU A 162 11.97 6.70 -12.62
C LEU A 162 11.69 7.31 -13.99
N GLU A 163 10.41 7.31 -14.38
CA GLU A 163 10.04 7.79 -15.71
C GLU A 163 10.35 9.27 -15.87
N ARG A 164 10.10 10.08 -14.84
CA ARG A 164 10.36 11.51 -14.89
C ARG A 164 10.96 11.96 -13.58
N GLY A 165 11.71 13.05 -13.63
CA GLY A 165 12.34 13.61 -12.45
C GLY A 165 13.74 13.07 -12.22
N ASN A 166 14.21 13.25 -10.98
CA ASN A 166 15.53 12.78 -10.58
C ASN A 166 15.48 12.40 -9.12
N LEU A 167 16.56 11.76 -8.65
CA LEU A 167 16.68 11.31 -7.28
C LEU A 167 17.74 12.11 -6.53
N MET A 168 17.83 13.41 -6.82
CA MET A 168 18.78 14.28 -6.13
C MET A 168 18.40 14.43 -4.67
N GLY A 169 19.42 14.55 -3.82
CA GLY A 169 19.22 14.49 -2.39
C GLY A 169 18.98 13.10 -1.87
N GLY A 170 19.02 12.08 -2.73
CA GLY A 170 18.81 10.72 -2.32
C GLY A 170 17.37 10.39 -1.98
N TRP A 171 16.94 9.20 -2.38
CA TRP A 171 15.70 8.63 -1.89
C TRP A 171 16.06 7.77 -0.67
N LYS A 172 15.44 8.05 0.46
CA LYS A 172 15.70 7.31 1.68
C LYS A 172 14.37 6.99 2.34
N TYR A 173 14.33 5.85 3.03
CA TYR A 173 13.14 5.22 3.60
C TYR A 173 12.20 4.70 2.52
N SER A 174 12.62 4.74 1.25
CA SER A 174 11.82 4.15 0.18
C SER A 174 11.72 2.65 0.36
N THR A 175 10.61 2.08 -0.10
CA THR A 175 10.33 0.66 0.08
C THR A 175 9.85 0.05 -1.23
N PHE A 176 10.03 -1.27 -1.32
CA PHE A 176 9.57 -2.05 -2.47
C PHE A 176 9.29 -3.46 -1.99
N SER A 177 8.02 -3.85 -1.98
CA SER A 177 7.63 -5.16 -1.50
C SER A 177 6.92 -5.94 -2.59
N GLY A 178 6.98 -7.27 -2.47
CA GLY A 178 6.34 -8.16 -3.42
C GLY A 178 6.33 -9.60 -2.97
N PHE A 179 5.27 -10.32 -3.30
CA PHE A 179 5.17 -11.72 -2.92
C PHE A 179 4.18 -12.42 -3.84
N LEU A 180 4.29 -13.75 -3.89
CA LEU A 180 3.39 -14.57 -4.67
C LEU A 180 2.12 -14.84 -3.87
N VAL A 181 1.00 -14.34 -4.38
CA VAL A 181 -0.28 -14.58 -3.69
C VAL A 181 -0.66 -16.04 -3.79
N PHE A 182 -0.71 -16.58 -5.02
CA PHE A 182 -0.93 -18.00 -5.25
C PHE A 182 -0.51 -18.32 -6.68
N PRO A 183 0.08 -19.47 -6.92
CA PRO A 183 0.40 -19.87 -8.29
C PRO A 183 -0.82 -20.40 -9.02
N LEU A 184 -0.78 -20.26 -10.35
CA LEU A 184 -1.91 -20.63 -11.20
C LEU A 184 -1.59 -21.82 -12.09
N SER B 50 -13.19 -20.66 -5.33
CA SER B 50 -13.14 -20.91 -3.89
C SER B 50 -11.83 -20.41 -3.27
N ALA B 51 -10.80 -21.25 -3.34
CA ALA B 51 -9.59 -21.02 -2.56
C ALA B 51 -8.80 -19.82 -3.06
N LYS B 52 -8.69 -19.67 -4.37
CA LYS B 52 -7.84 -18.64 -4.98
C LYS B 52 -8.71 -17.55 -5.58
N VAL B 53 -8.76 -16.40 -4.91
CA VAL B 53 -9.56 -15.26 -5.35
C VAL B 53 -8.68 -14.02 -5.32
N ALA B 54 -8.70 -13.26 -6.42
CA ALA B 54 -7.93 -12.02 -6.48
C ALA B 54 -8.46 -11.18 -7.63
N PHE B 55 -8.37 -9.85 -7.47
CA PHE B 55 -8.73 -8.94 -8.54
C PHE B 55 -7.80 -7.73 -8.52
N SER B 56 -7.73 -7.03 -9.65
CA SER B 56 -6.88 -5.85 -9.79
C SER B 56 -7.28 -5.05 -11.02
N ALA B 57 -7.56 -3.76 -10.85
CA ALA B 57 -8.08 -2.94 -11.92
C ALA B 57 -7.47 -1.54 -11.88
N ILE B 58 -7.49 -0.87 -13.04
CA ILE B 58 -6.90 0.45 -13.20
C ILE B 58 -7.82 1.30 -14.08
N ARG B 59 -7.83 2.61 -13.80
CA ARG B 59 -8.40 3.59 -14.72
C ARG B 59 -7.34 3.94 -15.75
N SER B 60 -7.54 3.50 -16.98
CA SER B 60 -6.52 3.64 -18.03
C SER B 60 -6.66 4.91 -18.84
N THR B 61 -7.76 5.64 -18.70
CA THR B 61 -7.98 6.86 -19.47
C THR B 61 -8.39 8.00 -18.52
N ASN B 62 -8.26 9.22 -19.02
CA ASN B 62 -8.68 10.42 -18.28
C ASN B 62 -10.12 10.81 -18.57
N HIS B 63 -10.96 9.85 -18.97
CA HIS B 63 -12.32 10.16 -19.37
C HIS B 63 -13.16 10.56 -18.16
N GLU B 64 -14.15 11.41 -18.40
CA GLU B 64 -15.04 11.88 -17.36
C GLU B 64 -15.95 10.75 -16.89
N PRO B 65 -16.48 10.84 -15.67
CA PRO B 65 -17.31 9.75 -15.15
C PRO B 65 -18.61 9.59 -15.93
N SER B 66 -19.21 8.41 -15.78
CA SER B 66 -20.51 8.10 -16.35
C SER B 66 -21.54 7.95 -15.25
N GLU B 67 -22.81 8.01 -15.65
CA GLU B 67 -23.91 7.92 -14.69
C GLU B 67 -24.42 6.49 -14.54
N THR B 72 -24.31 7.56 -9.51
CA THR B 72 -24.45 6.61 -8.41
C THR B 72 -23.31 6.77 -7.41
N MET B 73 -22.33 7.60 -7.77
CA MET B 73 -21.19 7.92 -6.91
C MET B 73 -20.31 6.70 -6.65
N ILE B 74 -20.05 5.92 -7.69
CA ILE B 74 -19.23 4.71 -7.60
C ILE B 74 -18.09 4.83 -8.60
N ILE B 75 -16.86 4.63 -8.11
CA ILE B 75 -15.66 4.84 -8.90
C ILE B 75 -15.29 3.53 -9.59
N TYR B 76 -15.48 3.47 -10.91
CA TYR B 76 -15.22 2.26 -11.68
C TYR B 76 -13.83 2.31 -12.32
N PHE B 77 -13.37 1.13 -12.75
CA PHE B 77 -12.06 0.97 -13.35
C PHE B 77 -12.21 0.13 -14.61
N ASP B 78 -11.72 0.65 -15.74
CA ASP B 78 -11.98 0.00 -17.02
C ASP B 78 -11.01 -1.14 -17.31
N GLN B 79 -9.73 -0.98 -16.96
CA GLN B 79 -8.71 -1.96 -17.28
C GLN B 79 -8.54 -2.92 -16.10
N VAL B 80 -8.81 -4.20 -16.34
CA VAL B 80 -8.71 -5.24 -15.32
C VAL B 80 -7.48 -6.09 -15.63
N LEU B 81 -6.47 -6.02 -14.75
CA LEU B 81 -5.29 -6.86 -14.91
C LEU B 81 -5.56 -8.29 -14.43
N VAL B 82 -6.08 -8.42 -13.22
CA VAL B 82 -6.28 -9.71 -12.56
C VAL B 82 -7.75 -9.86 -12.23
N ASN B 83 -8.33 -11.02 -12.56
CA ASN B 83 -9.66 -11.39 -12.08
C ASN B 83 -9.68 -12.91 -12.01
N ILE B 84 -9.55 -13.44 -10.80
CA ILE B 84 -9.46 -14.87 -10.55
C ILE B 84 -10.73 -15.28 -9.84
N GLY B 85 -11.52 -16.13 -10.48
CA GLY B 85 -12.85 -16.45 -10.00
C GLY B 85 -13.94 -15.55 -10.55
N ASN B 86 -13.58 -14.46 -11.24
CA ASN B 86 -14.53 -13.54 -11.86
C ASN B 86 -15.50 -12.95 -10.85
N ASN B 87 -15.07 -12.83 -9.60
CA ASN B 87 -15.88 -12.24 -8.55
C ASN B 87 -15.77 -10.72 -8.50
N PHE B 88 -15.02 -10.13 -9.44
CA PHE B 88 -15.02 -8.70 -9.68
C PHE B 88 -15.77 -8.45 -10.98
N ASP B 89 -16.81 -7.62 -10.92
CA ASP B 89 -17.82 -7.60 -11.96
C ASP B 89 -17.33 -6.82 -13.18
N SER B 90 -18.25 -6.56 -14.11
CA SER B 90 -17.89 -6.14 -15.47
C SER B 90 -17.59 -4.65 -15.52
N GLU B 91 -16.31 -4.29 -15.57
CA GLU B 91 -15.83 -2.93 -15.76
C GLU B 91 -16.36 -1.94 -14.72
N ARG B 92 -16.80 -2.42 -13.55
CA ARG B 92 -17.19 -1.50 -12.48
C ARG B 92 -16.45 -1.86 -11.20
N SER B 93 -16.88 -1.30 -10.06
CA SER B 93 -16.11 -1.30 -8.83
C SER B 93 -16.48 -2.37 -7.83
N THR B 94 -17.45 -3.24 -8.14
CA THR B 94 -18.04 -4.12 -7.14
C THR B 94 -17.35 -5.48 -7.12
N PHE B 95 -16.88 -5.88 -5.94
CA PHE B 95 -16.36 -7.22 -5.69
C PHE B 95 -17.32 -7.94 -4.75
N ILE B 96 -17.69 -9.18 -5.10
CA ILE B 96 -18.62 -9.98 -4.31
C ILE B 96 -17.84 -11.13 -3.68
N ALA B 97 -17.87 -11.20 -2.36
CA ALA B 97 -17.15 -12.24 -1.64
C ALA B 97 -17.78 -13.61 -1.91
N PRO B 98 -17.03 -14.57 -2.45
CA PRO B 98 -17.61 -15.88 -2.73
C PRO B 98 -17.64 -16.83 -1.53
N ARG B 99 -16.91 -16.53 -0.46
CA ARG B 99 -16.87 -17.42 0.70
C ARG B 99 -16.40 -16.64 1.91
N LYS B 100 -16.68 -17.20 3.09
CA LYS B 100 -16.28 -16.58 4.35
C LYS B 100 -14.76 -16.60 4.49
N GLY B 101 -14.18 -15.46 4.84
CA GLY B 101 -12.75 -15.39 5.04
C GLY B 101 -12.28 -13.95 5.15
N ILE B 102 -10.98 -13.81 5.40
CA ILE B 102 -10.34 -12.51 5.50
C ILE B 102 -9.85 -12.08 4.13
N TYR B 103 -10.22 -10.88 3.72
CA TYR B 103 -9.87 -10.36 2.41
C TYR B 103 -9.05 -9.09 2.56
N SER B 104 -8.09 -8.91 1.66
CA SER B 104 -7.27 -7.72 1.60
C SER B 104 -7.83 -6.77 0.55
N PHE B 105 -7.73 -5.47 0.81
CA PHE B 105 -8.21 -4.47 -0.13
C PHE B 105 -7.28 -3.28 -0.12
N ASN B 106 -7.06 -2.69 -1.30
CA ASN B 106 -6.13 -1.60 -1.47
C ASN B 106 -6.61 -0.74 -2.63
N PHE B 107 -6.47 0.58 -2.49
CA PHE B 107 -6.93 1.49 -3.53
C PHE B 107 -6.12 2.78 -3.49
N HIS B 108 -5.82 3.32 -4.67
CA HIS B 108 -5.13 4.60 -4.84
C HIS B 108 -5.91 5.39 -5.89
N VAL B 109 -6.77 6.30 -5.45
CA VAL B 109 -7.58 7.10 -6.36
C VAL B 109 -6.84 8.40 -6.65
N VAL B 110 -6.37 8.55 -7.89
CA VAL B 110 -5.58 9.71 -8.30
C VAL B 110 -6.49 10.72 -8.99
N LYS B 111 -6.31 11.99 -8.66
CA LYS B 111 -7.08 13.07 -9.25
C LYS B 111 -6.13 14.12 -9.83
N VAL B 112 -6.69 15.20 -10.35
CA VAL B 112 -5.90 16.29 -10.91
C VAL B 112 -6.37 17.61 -10.35
N GLN B 116 -10.51 19.05 -6.58
CA GLN B 116 -10.87 19.55 -5.26
C GLN B 116 -10.81 18.44 -4.21
N THR B 117 -10.88 18.82 -2.94
CA THR B 117 -10.83 17.86 -1.85
C THR B 117 -11.89 16.78 -2.01
N ILE B 118 -11.44 15.57 -2.36
CA ILE B 118 -12.35 14.45 -2.56
C ILE B 118 -12.14 13.37 -1.50
N GLN B 119 -13.22 12.75 -1.08
CA GLN B 119 -13.16 11.70 -0.06
C GLN B 119 -13.61 10.39 -0.69
N VAL B 120 -12.77 9.36 -0.59
CA VAL B 120 -13.06 8.04 -1.10
C VAL B 120 -13.24 7.10 0.08
N SER B 121 -14.42 6.50 0.21
CA SER B 121 -14.73 5.58 1.29
C SER B 121 -14.90 4.17 0.73
N LEU B 122 -14.16 3.22 1.28
CA LEU B 122 -14.32 1.81 0.93
C LEU B 122 -15.62 1.30 1.53
N MET B 123 -16.58 0.98 0.68
CA MET B 123 -17.91 0.59 1.12
C MET B 123 -18.00 -0.92 1.34
N LEU B 124 -18.84 -1.31 2.30
CA LEU B 124 -19.14 -2.71 2.56
C LEU B 124 -20.64 -2.81 2.85
N ASN B 125 -21.40 -3.32 1.88
CA ASN B 125 -22.84 -3.50 2.01
C ASN B 125 -23.54 -2.19 2.33
N GLY B 126 -23.04 -1.10 1.78
CA GLY B 126 -23.68 0.20 1.92
C GLY B 126 -23.13 1.09 3.02
N TRP B 127 -22.35 0.55 3.95
CA TRP B 127 -21.77 1.42 4.95
C TRP B 127 -20.28 1.61 4.71
N PRO B 128 -19.75 2.80 4.99
CA PRO B 128 -18.29 3.00 4.87
C PRO B 128 -17.53 2.24 5.95
N VAL B 129 -16.36 1.72 5.57
CA VAL B 129 -15.47 0.99 6.47
C VAL B 129 -14.20 1.77 6.76
N ILE B 130 -13.53 2.23 5.70
CA ILE B 130 -12.37 3.10 5.82
C ILE B 130 -12.56 4.24 4.83
N SER B 131 -11.83 5.32 5.09
CA SER B 131 -11.94 6.54 4.31
C SER B 131 -10.56 7.08 3.95
N ALA B 132 -10.47 7.68 2.76
CA ALA B 132 -9.26 8.32 2.29
C ALA B 132 -9.58 9.74 1.86
N PHE B 133 -8.61 10.63 2.02
CA PHE B 133 -8.81 12.05 1.74
C PHE B 133 -7.67 12.56 0.87
N ALA B 134 -8.00 13.49 -0.03
CA ALA B 134 -7.03 14.10 -0.94
C ALA B 134 -7.36 15.59 -1.04
N GLY B 135 -6.80 16.37 -0.11
CA GLY B 135 -6.94 17.82 -0.19
C GLY B 135 -6.13 18.36 -1.35
N ASP B 136 -6.76 19.19 -2.18
CA ASP B 136 -6.13 19.64 -3.43
C ASP B 136 -5.35 20.90 -3.15
N GLN B 137 -4.06 20.75 -2.87
CA GLN B 137 -3.17 21.89 -2.81
C GLN B 137 -2.69 22.21 -4.23
N ASP B 138 -1.69 23.08 -4.34
CA ASP B 138 -1.13 23.39 -5.64
C ASP B 138 -0.32 22.19 -6.14
N VAL B 139 -0.97 21.29 -6.88
CA VAL B 139 -0.33 20.09 -7.41
C VAL B 139 -0.91 19.78 -8.78
N THR B 140 -0.16 19.00 -9.55
CA THR B 140 -0.69 18.45 -10.80
C THR B 140 -1.63 17.29 -10.53
N ARG B 141 -1.24 16.38 -9.64
CA ARG B 141 -2.05 15.21 -9.31
C ARG B 141 -1.95 14.95 -7.81
N GLU B 142 -2.96 14.27 -7.28
CA GLU B 142 -3.00 13.88 -5.88
C GLU B 142 -3.77 12.58 -5.75
N ALA B 143 -3.38 11.76 -4.78
CA ALA B 143 -3.96 10.43 -4.59
C ALA B 143 -4.56 10.32 -3.19
N ALA B 144 -5.72 9.68 -3.12
CA ALA B 144 -6.36 9.30 -1.86
C ALA B 144 -6.20 7.79 -1.72
N SER B 145 -5.43 7.37 -0.72
CA SER B 145 -5.03 5.97 -0.60
C SER B 145 -5.33 5.44 0.79
N ASN B 146 -5.70 4.16 0.84
CA ASN B 146 -5.86 3.44 2.10
C ASN B 146 -5.94 1.95 1.79
N GLY B 147 -5.91 1.14 2.85
CA GLY B 147 -5.99 -0.30 2.71
C GLY B 147 -6.28 -0.93 4.05
N VAL B 148 -6.95 -2.09 4.02
CA VAL B 148 -7.41 -2.73 5.24
C VAL B 148 -7.78 -4.17 4.94
N LEU B 149 -7.79 -5.00 5.98
CA LEU B 149 -8.34 -6.36 5.93
C LEU B 149 -9.72 -6.35 6.57
N ILE B 150 -10.67 -7.06 5.96
CA ILE B 150 -12.03 -7.12 6.45
C ILE B 150 -12.47 -8.58 6.49
N GLN B 151 -13.19 -8.94 7.56
CA GLN B 151 -13.87 -10.23 7.61
C GLN B 151 -15.18 -10.12 6.85
N MET B 152 -15.36 -10.98 5.86
CA MET B 152 -16.51 -10.90 4.97
C MET B 152 -17.20 -12.25 4.83
N GLU B 153 -18.50 -12.20 4.56
CA GLU B 153 -19.33 -13.39 4.38
C GLU B 153 -19.64 -13.59 2.90
N LYS B 154 -20.17 -14.77 2.59
CA LYS B 154 -20.59 -15.08 1.24
C LYS B 154 -21.72 -14.15 0.81
N GLY B 155 -21.44 -13.30 -0.18
CA GLY B 155 -22.41 -12.35 -0.69
C GLY B 155 -22.08 -10.91 -0.40
N ASP B 156 -21.17 -10.64 0.54
CA ASP B 156 -20.80 -9.26 0.85
C ASP B 156 -20.22 -8.57 -0.37
N ARG B 157 -20.45 -7.26 -0.46
CA ARG B 157 -20.07 -6.46 -1.62
C ARG B 157 -19.18 -5.32 -1.17
N ALA B 158 -17.94 -5.31 -1.66
CA ALA B 158 -16.97 -4.27 -1.34
C ALA B 158 -16.70 -3.44 -2.59
N TYR B 159 -16.75 -2.12 -2.44
CA TYR B 159 -16.58 -1.23 -3.59
C TYR B 159 -16.19 0.15 -3.07
N LEU B 160 -15.81 1.02 -4.01
CA LEU B 160 -15.34 2.36 -3.68
C LEU B 160 -16.41 3.38 -4.02
N LYS B 161 -16.73 4.24 -3.07
CA LYS B 161 -17.65 5.35 -3.24
C LYS B 161 -16.90 6.66 -3.08
N LEU B 162 -17.23 7.63 -3.94
CA LEU B 162 -16.64 8.97 -3.89
C LEU B 162 -17.56 9.84 -3.02
N GLU B 163 -17.28 9.85 -1.72
CA GLU B 163 -18.20 10.50 -0.77
C GLU B 163 -18.31 12.00 -1.03
N ARG B 164 -17.18 12.69 -1.09
CA ARG B 164 -17.15 14.13 -1.30
C ARG B 164 -16.41 14.46 -2.59
N GLY B 165 -16.78 15.59 -3.20
CA GLY B 165 -16.10 16.08 -4.37
C GLY B 165 -16.54 15.39 -5.65
N ASN B 166 -15.76 15.61 -6.70
CA ASN B 166 -15.99 14.99 -8.00
C ASN B 166 -14.65 14.67 -8.64
N LEU B 167 -14.69 13.84 -9.67
CA LEU B 167 -13.53 13.44 -10.44
C LEU B 167 -13.72 13.95 -11.87
N MET B 168 -13.25 15.16 -12.14
CA MET B 168 -13.26 15.70 -13.49
C MET B 168 -11.82 15.98 -13.90
N GLY B 169 -11.56 15.88 -15.20
CA GLY B 169 -10.20 15.65 -15.66
C GLY B 169 -9.78 14.19 -15.60
N GLY B 170 -10.65 13.32 -15.12
CA GLY B 170 -10.38 11.90 -15.04
C GLY B 170 -9.74 11.49 -13.73
N TRP B 171 -9.93 10.21 -13.39
CA TRP B 171 -9.19 9.57 -12.31
C TRP B 171 -8.21 8.55 -12.86
N LYS B 172 -7.53 8.92 -13.94
CA LYS B 172 -6.58 8.03 -14.59
C LYS B 172 -5.44 7.68 -13.63
N TYR B 173 -4.91 6.46 -13.80
CA TYR B 173 -3.85 5.83 -13.01
C TYR B 173 -4.36 5.36 -11.65
N SER B 174 -5.64 5.57 -11.33
CA SER B 174 -6.19 5.07 -10.09
C SER B 174 -6.23 3.54 -10.11
N THR B 175 -5.95 2.94 -8.97
CA THR B 175 -5.86 1.48 -8.87
C THR B 175 -6.81 0.97 -7.80
N PHE B 176 -7.18 -0.30 -7.96
CA PHE B 176 -8.02 -1.00 -7.00
C PHE B 176 -7.56 -2.46 -6.99
N SER B 177 -7.31 -3.00 -5.81
CA SER B 177 -6.79 -4.36 -5.72
C SER B 177 -7.39 -5.06 -4.51
N GLY B 178 -7.36 -6.40 -4.56
CA GLY B 178 -7.93 -7.22 -3.52
C GLY B 178 -7.78 -8.71 -3.76
N PHE B 179 -7.58 -9.48 -2.69
CA PHE B 179 -7.45 -10.92 -2.79
C PHE B 179 -7.91 -11.57 -1.49
N LEU B 180 -8.23 -12.86 -1.58
CA LEU B 180 -8.60 -13.64 -0.40
C LEU B 180 -7.33 -14.09 0.31
N VAL B 181 -7.17 -13.65 1.57
CA VAL B 181 -5.97 -14.00 2.32
C VAL B 181 -6.05 -15.45 2.81
N PHE B 182 -7.12 -15.80 3.52
CA PHE B 182 -7.40 -17.18 3.88
C PHE B 182 -8.88 -17.32 4.17
N PRO B 183 -9.47 -18.48 3.89
CA PRO B 183 -10.89 -18.67 4.14
C PRO B 183 -11.17 -18.99 5.60
N LEU B 184 -12.46 -18.89 5.95
CA LEU B 184 -12.91 -19.19 7.31
C LEU B 184 -14.22 -19.98 7.29
N GLY C 49 -6.09 -22.68 10.62
CA GLY C 49 -5.72 -22.79 12.04
C GLY C 49 -4.47 -21.98 12.37
N SER C 50 -3.38 -22.69 12.65
CA SER C 50 -2.13 -22.04 13.04
C SER C 50 -1.50 -21.25 11.90
N ALA C 51 -1.88 -21.54 10.65
CA ALA C 51 -1.34 -20.86 9.49
C ALA C 51 -2.09 -19.57 9.15
N LYS C 52 -3.13 -19.23 9.90
CA LYS C 52 -3.96 -18.06 9.63
C LYS C 52 -3.74 -17.03 10.73
N VAL C 53 -2.99 -15.97 10.40
CA VAL C 53 -2.73 -14.87 11.31
C VAL C 53 -2.96 -13.57 10.54
N ALA C 54 -3.86 -12.73 11.03
CA ALA C 54 -4.18 -11.48 10.36
C ALA C 54 -4.85 -10.53 11.35
N PHE C 55 -4.53 -9.25 11.22
CA PHE C 55 -5.18 -8.23 12.03
C PHE C 55 -5.33 -6.96 11.21
N SER C 56 -6.38 -6.19 11.51
CA SER C 56 -6.59 -4.89 10.90
C SER C 56 -7.41 -4.04 11.86
N ALA C 57 -7.02 -2.77 11.99
CA ALA C 57 -7.69 -1.89 12.94
C ALA C 57 -7.73 -0.48 12.39
N ILE C 58 -8.77 0.26 12.80
CA ILE C 58 -8.90 1.67 12.48
C ILE C 58 -8.93 2.45 13.78
N ARG C 59 -8.74 3.77 13.67
CA ARG C 59 -8.87 4.68 14.78
C ARG C 59 -10.08 5.57 14.54
N SER C 60 -11.07 5.47 15.44
CA SER C 60 -12.30 6.24 15.38
C SER C 60 -12.36 7.19 16.57
N THR C 61 -13.48 7.88 16.70
CA THR C 61 -13.70 8.79 17.82
C THR C 61 -14.44 8.11 18.96
N ARG C 71 3.89 9.10 27.00
CA ARG C 71 4.16 7.68 27.00
C ARG C 71 5.31 7.33 26.05
N THR C 72 5.31 6.09 25.56
CA THR C 72 6.29 5.64 24.58
C THR C 72 5.93 6.04 23.15
N MET C 73 4.99 6.97 23.00
CA MET C 73 4.59 7.51 21.69
C MET C 73 4.12 6.39 20.76
N ILE C 74 3.32 5.48 21.29
CA ILE C 74 2.78 4.35 20.52
C ILE C 74 1.38 4.71 20.07
N ILE C 75 1.15 4.65 18.75
CA ILE C 75 -0.15 4.99 18.17
C ILE C 75 -1.09 3.81 18.37
N TYR C 76 -2.36 4.11 18.64
CA TYR C 76 -3.34 3.07 18.90
C TYR C 76 -4.55 3.23 17.97
N PHE C 77 -5.25 2.11 17.76
CA PHE C 77 -6.37 2.01 16.83
C PHE C 77 -7.49 1.27 17.56
N ASP C 78 -8.50 2.01 18.00
CA ASP C 78 -9.50 1.45 18.90
C ASP C 78 -10.38 0.41 18.20
N GLN C 79 -10.85 0.72 17.01
CA GLN C 79 -11.77 -0.17 16.30
C GLN C 79 -10.97 -1.25 15.59
N VAL C 80 -11.19 -2.51 15.98
CA VAL C 80 -10.48 -3.64 15.40
C VAL C 80 -11.43 -4.35 14.44
N LEU C 81 -11.11 -4.29 13.14
CA LEU C 81 -11.95 -4.95 12.14
C LEU C 81 -11.68 -6.45 12.08
N VAL C 82 -10.40 -6.84 12.10
CA VAL C 82 -9.98 -8.23 11.94
C VAL C 82 -8.96 -8.55 13.04
N ASN C 83 -9.14 -9.69 13.70
CA ASN C 83 -8.11 -10.22 14.59
C ASN C 83 -8.28 -11.73 14.59
N ILE C 84 -7.38 -12.42 13.90
CA ILE C 84 -7.45 -13.86 13.72
C ILE C 84 -6.25 -14.44 14.45
N GLY C 85 -6.53 -15.18 15.52
CA GLY C 85 -5.50 -15.59 16.45
C GLY C 85 -5.35 -14.69 17.65
N ASN C 86 -5.99 -13.52 17.65
CA ASN C 86 -6.02 -12.59 18.77
C ASN C 86 -4.62 -12.12 19.16
N ASN C 87 -3.71 -12.05 18.18
CA ASN C 87 -2.31 -11.72 18.43
C ASN C 87 -2.03 -10.22 18.32
N PHE C 88 -3.07 -9.41 18.12
CA PHE C 88 -3.00 -7.96 18.18
C PHE C 88 -3.75 -7.51 19.42
N ASP C 89 -3.06 -6.87 20.35
CA ASP C 89 -3.69 -6.41 21.58
C ASP C 89 -3.15 -5.07 22.08
N SER C 90 -3.29 -4.85 23.38
CA SER C 90 -2.84 -3.63 24.08
C SER C 90 -3.45 -2.31 23.58
N GLU C 91 -4.67 -2.38 23.05
CA GLU C 91 -5.38 -1.21 22.54
C GLU C 91 -4.55 -0.29 21.65
N ARG C 92 -3.84 -0.89 20.68
CA ARG C 92 -3.00 -0.12 19.77
C ARG C 92 -2.67 -0.95 18.53
N SER C 93 -1.52 -0.64 17.92
CA SER C 93 -1.07 -1.36 16.73
C SER C 93 -0.08 -2.46 17.06
N THR C 94 -0.05 -2.86 18.34
CA THR C 94 0.87 -3.91 18.79
C THR C 94 0.47 -5.26 18.20
N PHE C 95 1.46 -6.13 18.02
CA PHE C 95 1.21 -7.44 17.45
C PHE C 95 2.41 -8.33 17.73
N ILE C 96 2.16 -9.50 18.32
CA ILE C 96 3.22 -10.47 18.62
C ILE C 96 3.10 -11.62 17.62
N ALA C 97 4.20 -11.90 16.94
CA ALA C 97 4.23 -12.99 15.96
C ALA C 97 4.04 -14.33 16.65
N PRO C 98 3.04 -15.12 16.25
CA PRO C 98 2.85 -16.43 16.88
C PRO C 98 3.90 -17.45 16.47
N ARG C 99 4.43 -17.35 15.25
CA ARG C 99 5.35 -18.34 14.73
C ARG C 99 6.30 -17.65 13.76
N LYS C 100 7.39 -18.36 13.42
CA LYS C 100 8.35 -17.81 12.47
C LYS C 100 7.78 -17.84 11.06
N GLY C 101 8.02 -16.75 10.34
CA GLY C 101 7.54 -16.67 8.97
C GLY C 101 7.64 -15.24 8.46
N ILE C 102 7.12 -15.04 7.25
CA ILE C 102 7.10 -13.74 6.60
C ILE C 102 5.75 -13.10 6.84
N TYR C 103 5.77 -11.88 7.38
CA TYR C 103 4.55 -11.14 7.71
C TYR C 103 4.47 -9.87 6.89
N SER C 104 3.26 -9.52 6.47
CA SER C 104 3.00 -8.26 5.80
C SER C 104 2.54 -7.22 6.81
N PHE C 105 2.81 -5.95 6.50
CA PHE C 105 2.38 -4.85 7.34
C PHE C 105 2.15 -3.62 6.47
N ASN C 106 1.09 -2.87 6.80
CA ASN C 106 0.80 -1.61 6.13
C ASN C 106 0.08 -0.71 7.12
N PHE C 107 0.30 0.60 6.98
CA PHE C 107 -0.32 1.55 7.89
C PHE C 107 -0.49 2.89 7.18
N HIS C 108 -1.58 3.58 7.52
CA HIS C 108 -1.85 4.93 7.06
C HIS C 108 -2.21 5.77 8.28
N VAL C 109 -1.28 6.62 8.71
CA VAL C 109 -1.50 7.51 9.86
C VAL C 109 -1.91 8.87 9.31
N VAL C 110 -3.11 9.31 9.67
CA VAL C 110 -3.71 10.51 9.08
C VAL C 110 -3.29 11.73 9.88
N LYS C 111 -2.62 12.67 9.21
CA LYS C 111 -2.26 13.96 9.79
C LYS C 111 -3.47 14.88 9.66
N VAL C 112 -4.25 15.01 10.73
CA VAL C 112 -5.52 15.75 10.65
C VAL C 112 -5.26 17.25 10.61
N TYR C 113 -4.66 17.80 11.66
CA TYR C 113 -4.41 19.23 11.71
C TYR C 113 -3.44 19.64 10.60
N ASN C 114 -3.63 20.86 10.11
CA ASN C 114 -2.96 21.31 8.89
C ASN C 114 -1.46 21.54 9.09
N ARG C 115 -1.12 22.41 10.04
CA ARG C 115 0.20 23.03 10.07
C ARG C 115 1.28 22.17 10.74
N GLN C 116 0.97 20.93 11.08
CA GLN C 116 1.92 20.09 11.79
C GLN C 116 2.76 19.25 10.82
N THR C 117 3.82 18.66 11.36
CA THR C 117 4.62 17.66 10.66
C THR C 117 4.74 16.44 11.57
N ILE C 118 4.52 15.26 11.00
CA ILE C 118 4.60 14.01 11.75
C ILE C 118 5.57 13.06 11.06
N GLN C 119 6.07 12.12 11.84
CA GLN C 119 6.87 11.00 11.33
C GLN C 119 6.48 9.75 12.10
N VAL C 120 6.06 8.71 11.38
CA VAL C 120 5.66 7.44 11.97
C VAL C 120 6.67 6.38 11.56
N SER C 121 7.18 5.65 12.55
CA SER C 121 8.15 4.58 12.32
C SER C 121 7.55 3.26 12.76
N LEU C 122 7.59 2.26 11.87
CA LEU C 122 7.19 0.91 12.24
C LEU C 122 8.32 0.27 13.03
N MET C 123 7.99 -0.24 14.22
CA MET C 123 8.99 -0.71 15.17
C MET C 123 9.00 -2.22 15.25
N LEU C 124 10.20 -2.79 15.35
CA LEU C 124 10.39 -4.23 15.55
C LEU C 124 11.24 -4.40 16.81
N ASN C 125 10.58 -4.74 17.91
CA ASN C 125 11.22 -4.91 19.21
C ASN C 125 12.03 -3.67 19.61
N GLY C 126 11.41 -2.51 19.44
CA GLY C 126 12.04 -1.27 19.85
C GLY C 126 13.07 -0.70 18.90
N TRP C 127 12.97 -1.02 17.61
CA TRP C 127 13.87 -0.49 16.60
C TRP C 127 13.07 -0.14 15.36
N PRO C 128 13.27 1.04 14.78
CA PRO C 128 12.54 1.39 13.55
C PRO C 128 13.01 0.54 12.38
N VAL C 129 12.04 0.13 11.56
CA VAL C 129 12.28 -0.67 10.37
C VAL C 129 11.97 0.13 9.10
N ILE C 130 10.80 0.75 9.05
CA ILE C 130 10.42 1.66 7.97
C ILE C 130 9.85 2.93 8.60
N SER C 131 9.81 3.99 7.80
CA SER C 131 9.36 5.29 8.25
C SER C 131 8.38 5.88 7.24
N ALA C 132 7.38 6.57 7.76
CA ALA C 132 6.40 7.30 6.96
C ALA C 132 6.41 8.77 7.38
N PHE C 133 6.17 9.64 6.40
CA PHE C 133 6.28 11.08 6.62
C PHE C 133 5.08 11.80 6.04
N ALA C 134 4.50 12.70 6.84
CA ALA C 134 3.48 13.62 6.38
C ALA C 134 3.67 14.92 7.15
N GLY C 135 3.62 16.05 6.44
CA GLY C 135 3.84 17.32 7.08
C GLY C 135 4.59 18.36 6.26
N ASP C 136 4.82 19.53 6.86
CA ASP C 136 5.40 20.69 6.17
C ASP C 136 4.59 21.03 4.93
N GLN C 137 3.27 20.89 5.05
CA GLN C 137 2.33 21.22 4.00
C GLN C 137 1.09 21.84 4.64
N ASP C 138 0.11 22.17 3.81
CA ASP C 138 -1.08 22.90 4.23
C ASP C 138 -2.35 22.12 3.91
N VAL C 139 -2.25 20.79 3.86
CA VAL C 139 -3.34 19.94 3.43
C VAL C 139 -3.87 19.17 4.63
N THR C 140 -5.19 19.08 4.73
CA THR C 140 -5.84 18.44 5.87
C THR C 140 -6.05 16.96 5.59
N ARG C 141 -5.80 16.14 6.61
CA ARG C 141 -5.94 14.69 6.52
C ARG C 141 -4.97 14.10 5.49
N GLU C 142 -3.70 14.46 5.63
CA GLU C 142 -2.63 13.87 4.84
C GLU C 142 -2.14 12.60 5.52
N ALA C 143 -1.97 11.55 4.73
CA ALA C 143 -1.67 10.22 5.24
C ALA C 143 -0.17 9.98 5.26
N ALA C 144 0.37 9.66 6.44
CA ALA C 144 1.72 9.14 6.56
C ALA C 144 1.64 7.63 6.40
N SER C 145 2.01 7.14 5.22
CA SER C 145 1.75 5.75 4.85
C SER C 145 3.02 5.06 4.37
N ASN C 146 3.12 3.77 4.65
CA ASN C 146 4.20 2.91 4.17
C ASN C 146 3.81 1.46 4.44
N GLY C 147 4.60 0.54 3.89
CA GLY C 147 4.37 -0.87 4.09
C GLY C 147 5.63 -1.66 3.84
N VAL C 148 5.67 -2.88 4.37
CA VAL C 148 6.87 -3.70 4.34
C VAL C 148 6.50 -5.14 4.66
N LEU C 149 7.32 -6.07 4.19
CA LEU C 149 7.30 -7.47 4.63
C LEU C 149 8.49 -7.70 5.56
N ILE C 150 8.28 -8.50 6.62
CA ILE C 150 9.30 -8.70 7.64
C ILE C 150 9.44 -10.18 7.96
N GLN C 151 10.68 -10.63 8.13
CA GLN C 151 10.96 -11.92 8.73
C GLN C 151 10.91 -11.77 10.25
N MET C 152 10.09 -12.59 10.90
CA MET C 152 9.89 -12.49 12.34
C MET C 152 9.85 -13.88 12.96
N GLU C 153 10.24 -13.94 14.23
CA GLU C 153 10.16 -15.16 15.04
C GLU C 153 9.10 -15.00 16.11
N LYS C 154 8.86 -16.10 16.83
CA LYS C 154 7.86 -16.08 17.90
C LYS C 154 8.30 -15.14 19.01
N GLY C 155 7.43 -14.19 19.35
CA GLY C 155 7.71 -13.21 20.37
C GLY C 155 8.05 -11.83 19.85
N ASP C 156 8.27 -11.69 18.54
CA ASP C 156 8.59 -10.38 17.98
C ASP C 156 7.39 -9.45 18.08
N ARG C 157 7.66 -8.20 18.43
CA ARG C 157 6.62 -7.19 18.63
C ARG C 157 6.73 -6.14 17.54
N ALA C 158 5.65 -5.94 16.80
CA ALA C 158 5.58 -4.96 15.73
C ALA C 158 4.49 -3.95 16.06
N TYR C 159 4.85 -2.67 16.04
CA TYR C 159 3.91 -1.62 16.39
C TYR C 159 4.35 -0.32 15.72
N LEU C 160 3.48 0.68 15.81
CA LEU C 160 3.74 1.99 15.24
C LEU C 160 4.11 2.98 16.33
N LYS C 161 5.13 3.80 16.05
CA LYS C 161 5.59 4.82 16.98
C LYS C 161 5.51 6.19 16.30
N LEU C 162 4.94 7.16 17.00
CA LEU C 162 4.96 8.55 16.57
C LEU C 162 6.35 9.11 16.87
N GLU C 163 7.25 8.98 15.90
CA GLU C 163 8.65 9.32 16.14
C GLU C 163 8.85 10.82 16.30
N ARG C 164 8.20 11.63 15.47
CA ARG C 164 8.32 13.08 15.55
C ARG C 164 6.96 13.74 15.40
N GLY C 165 6.73 14.77 16.21
CA GLY C 165 5.48 15.52 16.17
C GLY C 165 4.44 14.94 17.11
N ASN C 166 3.29 15.61 17.15
CA ASN C 166 2.14 15.18 17.93
C ASN C 166 0.91 15.21 17.04
N LEU C 167 0.22 14.07 16.92
CA LEU C 167 -0.97 14.02 16.09
C LEU C 167 -1.99 15.04 16.62
N MET C 168 -2.14 16.17 15.93
CA MET C 168 -3.06 17.21 16.35
C MET C 168 -4.30 17.16 15.48
N GLY C 169 -5.41 17.66 16.02
CA GLY C 169 -6.71 17.31 15.48
C GLY C 169 -7.03 15.84 15.65
N GLY C 170 -6.23 15.13 16.45
CA GLY C 170 -6.33 13.70 16.56
C GLY C 170 -5.79 13.01 15.32
N TRP C 171 -5.97 11.69 15.30
CA TRP C 171 -5.82 10.89 14.09
C TRP C 171 -7.09 10.06 13.96
N LYS C 172 -7.68 10.06 12.78
CA LYS C 172 -8.93 9.34 12.55
C LYS C 172 -8.94 8.86 11.12
N TYR C 173 -9.56 7.69 10.92
CA TYR C 173 -9.47 6.92 9.68
C TYR C 173 -8.05 6.44 9.43
N SER C 174 -7.23 6.44 10.49
CA SER C 174 -5.90 5.85 10.44
C SER C 174 -6.03 4.34 10.54
N THR C 175 -5.40 3.63 9.60
CA THR C 175 -5.51 2.18 9.51
C THR C 175 -4.16 1.53 9.79
N PHE C 176 -4.22 0.32 10.34
CA PHE C 176 -3.02 -0.46 10.64
C PHE C 176 -3.40 -1.93 10.52
N SER C 177 -2.84 -2.61 9.52
CA SER C 177 -3.18 -4.00 9.25
C SER C 177 -1.92 -4.79 8.95
N GLY C 178 -2.01 -6.10 9.19
CA GLY C 178 -0.91 -7.00 8.92
C GLY C 178 -1.39 -8.43 8.95
N PHE C 179 -0.65 -9.29 8.25
CA PHE C 179 -1.03 -10.70 8.17
C PHE C 179 0.20 -11.54 7.88
N LEU C 180 0.07 -12.84 8.18
CA LEU C 180 1.14 -13.81 7.94
C LEU C 180 1.06 -14.29 6.49
N VAL C 181 2.09 -13.98 5.71
CA VAL C 181 2.10 -14.41 4.31
C VAL C 181 2.30 -15.92 4.23
N PHE C 182 3.39 -16.43 4.79
CA PHE C 182 3.60 -17.86 4.91
C PHE C 182 4.56 -18.11 6.06
N PRO C 183 4.44 -19.25 6.75
CA PRO C 183 5.35 -19.55 7.86
C PRO C 183 6.69 -20.08 7.35
N LEU C 184 7.63 -20.19 8.29
CA LEU C 184 8.96 -20.73 7.99
C LEU C 184 9.43 -21.65 9.10
#